data_3N51
#
_entry.id   3N51
#
_cell.length_a   47.523
_cell.length_b   72.754
_cell.length_c   66.024
_cell.angle_alpha   90.000
_cell.angle_beta   98.880
_cell.angle_gamma   90.000
#
_symmetry.space_group_name_H-M   'P 1 21 1'
#
loop_
_entity.id
_entity.type
_entity.pdbx_description
1 polymer 'Calmodulin-domain protein kinase 1'
2 non-polymer 3-(naphthalen-1-ylmethyl)-1-(piperidin-4-ylmethyl)-1H-pyrazolo[3,4-d]pyrimidin-4-amine
3 non-polymer 'DIMETHYL SULFOXIDE'
4 non-polymer 1,2-ETHANEDIOL
5 water water
#
_entity_poly.entity_id   1
_entity_poly.type   'polypeptide(L)'
_entity_poly.pdbx_seq_one_letter_code
;GPGSMMDHLHATPGMFVQHSTAIFSDRYKGQRVLGKGSFGEVILCKDKITGQECAVKVISKRQVKQKTDKESLLREVQLL
KQLDHPNIMKLYEFFEDKGYFYLVGEVYTGGELFDEIISRKRFSEVDAARIIRQVLSGITYMHKNKIVHRDLKPENLLLE
SKSKDANIRIIDFGLSTHFEASKKMKDKIGTAYYIAPEVLHGTYDEKCDVWSTGVILYILLSGCPPFNGANEYDILKKVE
KGKYTFELPQWKKVSESAKDLIRKMLTYVPSMRISARDALDHEWIQTYTKEQISVDVPSLDNAILNIRQFQGTQKLAQAA
LLYMGSKLTSQDETKELTAIFHKMDKNGDGQLDRAELIEGYKELMRMKGQDASMLDASAVEHEVDQVLDAVDFDKNGYIE
YSEFVTVAMDRKTLLSRERLERAFRMFDSDNSGKISSTELATIFGVSDVDSETWKSVLSEVDKNNDGEVDFDEFQQMLLK
LCGN
;
_entity_poly.pdbx_strand_id   A
#
# COMPACT_ATOMS: atom_id res chain seq x y z
N ALA A 22 -16.43 -22.44 -14.65
CA ALA A 22 -16.26 -21.00 -15.04
C ALA A 22 -14.84 -20.57 -14.78
N ILE A 23 -14.15 -20.05 -15.81
CA ILE A 23 -12.76 -19.63 -15.66
C ILE A 23 -12.58 -18.14 -15.94
N PHE A 24 -11.73 -17.51 -15.13
CA PHE A 24 -11.56 -16.07 -15.12
C PHE A 24 -11.26 -15.49 -16.51
N SER A 25 -10.31 -16.11 -17.20
CA SER A 25 -9.81 -15.59 -18.47
C SER A 25 -10.85 -15.69 -19.59
N ASP A 26 -11.83 -16.59 -19.47
CA ASP A 26 -12.94 -16.62 -20.42
C ASP A 26 -13.77 -15.33 -20.35
N ARG A 27 -13.88 -14.73 -19.17
CA ARG A 27 -14.73 -13.55 -18.97
C ARG A 27 -14.04 -12.19 -18.96
N TYR A 28 -12.80 -12.15 -18.46
CA TYR A 28 -12.10 -10.89 -18.21
C TYR A 28 -10.77 -10.87 -18.93
N LYS A 29 -10.39 -9.72 -19.49
CA LYS A 29 -9.00 -9.53 -19.96
C LYS A 29 -8.32 -8.49 -19.08
N GLY A 30 -7.10 -8.79 -18.66
CA GLY A 30 -6.24 -7.82 -17.99
C GLY A 30 -5.95 -6.67 -18.94
N GLN A 31 -5.98 -5.45 -18.40
CA GLN A 31 -5.71 -4.25 -19.19
C GLN A 31 -4.46 -3.53 -18.68
N ARG A 32 -4.40 -3.26 -17.38
CA ARG A 32 -3.20 -2.67 -16.79
CA ARG A 32 -3.20 -2.67 -16.79
C ARG A 32 -3.12 -2.95 -15.29
N VAL A 33 -1.90 -2.94 -14.75
CA VAL A 33 -1.69 -3.22 -13.33
C VAL A 33 -2.11 -2.00 -12.50
N LEU A 34 -2.73 -2.25 -11.36
CA LEU A 34 -3.20 -1.17 -10.45
C LEU A 34 -2.35 -1.08 -9.18
N GLY A 35 -1.54 -2.10 -8.93
CA GLY A 35 -0.65 -2.10 -7.78
C GLY A 35 -0.66 -3.43 -7.06
N LYS A 36 0.16 -3.55 -6.04
CA LYS A 36 0.06 -4.66 -5.12
C LYS A 36 -0.76 -4.19 -3.92
N GLY A 37 -1.71 -5.00 -3.53
CA GLY A 37 -2.43 -4.77 -2.31
C GLY A 37 -2.17 -5.93 -1.40
N SER A 38 -2.98 -6.04 -0.34
CA SER A 38 -2.84 -7.10 0.60
C SER A 38 -3.18 -8.44 -0.04
N PHE A 39 -2.32 -9.43 0.18
CA PHE A 39 -2.52 -10.82 -0.26
C PHE A 39 -2.26 -11.11 -1.74
N GLY A 40 -1.96 -10.08 -2.54
CA GLY A 40 -1.63 -10.29 -3.96
C GLY A 40 -1.84 -9.10 -4.87
N GLU A 41 -1.67 -9.34 -6.16
CA GLU A 41 -1.59 -8.30 -7.17
C GLU A 41 -2.96 -7.87 -7.66
N VAL A 42 -3.14 -6.56 -7.85
CA VAL A 42 -4.40 -6.02 -8.30
C VAL A 42 -4.28 -5.47 -9.72
N ILE A 43 -5.18 -5.94 -10.59
CA ILE A 43 -5.12 -5.69 -12.03
C ILE A 43 -6.45 -5.08 -12.44
N LEU A 44 -6.39 -4.01 -13.24
CA LEU A 44 -7.58 -3.47 -13.91
C LEU A 44 -7.91 -4.41 -15.06
N CYS A 45 -9.12 -4.95 -15.05
CA CYS A 45 -9.58 -5.85 -16.10
CA CYS A 45 -9.56 -5.81 -16.13
C CYS A 45 -10.87 -5.34 -16.73
N LYS A 46 -11.24 -5.95 -17.84
CA LYS A 46 -12.41 -5.58 -18.60
C LYS A 46 -13.21 -6.83 -18.99
N ASP A 47 -14.51 -6.78 -18.77
CA ASP A 47 -15.42 -7.82 -19.21
C ASP A 47 -15.31 -7.94 -20.73
N LYS A 48 -15.07 -9.15 -21.23
CA LYS A 48 -14.85 -9.36 -22.67
C LYS A 48 -16.08 -9.12 -23.52
N ILE A 49 -17.25 -9.07 -22.89
CA ILE A 49 -18.49 -8.89 -23.60
C ILE A 49 -18.98 -7.46 -23.43
N THR A 50 -19.24 -7.05 -22.19
CA THR A 50 -19.91 -5.77 -21.90
C THR A 50 -18.98 -4.58 -21.86
N GLY A 51 -17.67 -4.81 -21.83
CA GLY A 51 -16.70 -3.72 -21.67
C GLY A 51 -16.57 -3.13 -20.26
N GLN A 52 -17.32 -3.65 -19.28
CA GLN A 52 -17.23 -3.15 -17.90
C GLN A 52 -15.83 -3.31 -17.34
N GLU A 53 -15.25 -2.20 -16.90
CA GLU A 53 -14.01 -2.22 -16.12
C GLU A 53 -14.24 -2.70 -14.69
N CYS A 54 -13.29 -3.47 -14.18
CA CYS A 54 -13.32 -3.90 -12.80
CA CYS A 54 -13.32 -4.03 -12.83
C CYS A 54 -11.90 -4.09 -12.28
N ALA A 55 -11.75 -4.21 -10.96
CA ALA A 55 -10.43 -4.52 -10.42
C ALA A 55 -10.44 -5.99 -10.00
N VAL A 56 -9.32 -6.67 -10.22
CA VAL A 56 -9.20 -8.06 -9.80
C VAL A 56 -7.98 -8.26 -8.92
N LYS A 57 -8.18 -8.88 -7.76
CA LYS A 57 -7.09 -9.22 -6.86
C LYS A 57 -6.79 -10.68 -7.10
N VAL A 58 -5.55 -10.98 -7.43
CA VAL A 58 -5.10 -12.34 -7.69
C VAL A 58 -4.27 -12.83 -6.50
N ILE A 59 -4.77 -13.87 -5.84
CA ILE A 59 -4.16 -14.41 -4.63
C ILE A 59 -3.55 -15.77 -4.97
N SER A 60 -2.22 -15.85 -4.92
CA SER A 60 -1.49 -17.08 -5.23
C SER A 60 -1.62 -18.06 -4.07
N LYS A 61 -2.25 -19.21 -4.33
CA LYS A 61 -2.45 -20.25 -3.32
C LYS A 61 -1.12 -20.75 -2.78
N ARG A 62 -0.11 -20.74 -3.63
CA ARG A 62 1.26 -21.13 -3.28
C ARG A 62 1.88 -20.11 -2.32
N GLN A 63 1.94 -18.86 -2.74
CA GLN A 63 2.52 -17.78 -1.95
C GLN A 63 1.68 -17.41 -0.72
N VAL A 64 0.35 -17.60 -0.79
CA VAL A 64 -0.54 -17.26 0.32
C VAL A 64 -1.29 -18.47 0.89
N LYS A 65 -0.99 -18.82 2.14
CA LYS A 65 -1.70 -19.85 2.88
C LYS A 65 -3.14 -19.39 3.18
N GLN A 66 -4.07 -20.35 3.14
CA GLN A 66 -5.45 -20.11 3.56
C GLN A 66 -5.54 -20.45 5.03
N LYS A 67 -6.42 -19.77 5.76
CA LYS A 67 -6.65 -20.04 7.18
C LYS A 67 -7.72 -21.10 7.41
N THR A 68 -8.74 -21.11 6.53
CA THR A 68 -9.96 -21.86 6.76
C THR A 68 -10.21 -22.88 5.64
N ASP A 69 -11.27 -23.68 5.81
CA ASP A 69 -11.74 -24.60 4.76
C ASP A 69 -12.38 -23.82 3.61
N LYS A 70 -12.40 -24.43 2.44
CA LYS A 70 -12.93 -23.80 1.25
C LYS A 70 -14.41 -23.48 1.38
N GLU A 71 -15.13 -24.29 2.14
CA GLU A 71 -16.56 -24.10 2.33
C GLU A 71 -16.88 -22.80 3.09
N SER A 72 -16.01 -22.46 4.05
CA SER A 72 -16.16 -21.22 4.80
C SER A 72 -15.84 -20.03 3.91
N LEU A 73 -14.78 -20.15 3.13
CA LEU A 73 -14.40 -19.13 2.17
C LEU A 73 -15.53 -18.90 1.15
N LEU A 74 -16.01 -19.98 0.55
CA LEU A 74 -17.07 -19.87 -0.48
C LEU A 74 -18.31 -19.22 0.10
N ARG A 75 -18.66 -19.57 1.33
CA ARG A 75 -19.84 -19.00 1.98
C ARG A 75 -19.68 -17.51 2.25
N GLU A 76 -18.52 -17.14 2.80
CA GLU A 76 -18.26 -15.75 3.07
C GLU A 76 -18.24 -14.91 1.79
N VAL A 77 -17.64 -15.44 0.73
CA VAL A 77 -17.65 -14.77 -0.56
C VAL A 77 -19.08 -14.54 -1.05
N GLN A 78 -19.92 -15.57 -0.95
CA GLN A 78 -21.31 -15.47 -1.41
C GLN A 78 -22.04 -14.40 -0.58
N LEU A 79 -21.73 -14.31 0.71
CA LEU A 79 -22.30 -13.27 1.56
C LEU A 79 -21.86 -11.90 1.08
N LEU A 80 -20.55 -11.73 0.88
CA LEU A 80 -19.97 -10.46 0.45
C LEU A 80 -20.60 -9.91 -0.83
N LYS A 81 -20.86 -10.81 -1.80
CA LYS A 81 -21.54 -10.46 -3.05
C LYS A 81 -22.95 -9.88 -2.84
N GLN A 82 -23.62 -10.26 -1.77
CA GLN A 82 -25.00 -9.80 -1.53
C GLN A 82 -25.04 -8.48 -0.79
N LEU A 83 -23.91 -8.04 -0.27
CA LEU A 83 -23.86 -6.86 0.59
C LEU A 83 -23.59 -5.61 -0.23
N ASP A 84 -24.07 -4.47 0.26
CA ASP A 84 -23.98 -3.20 -0.46
CA ASP A 84 -23.97 -3.21 -0.45
C ASP A 84 -23.96 -2.02 0.51
N HIS A 85 -22.95 -1.18 0.39
CA HIS A 85 -22.82 -0.01 1.22
C HIS A 85 -21.90 0.95 0.49
N PRO A 86 -22.23 2.26 0.49
CA PRO A 86 -21.41 3.18 -0.29
C PRO A 86 -19.99 3.41 0.26
N ASN A 87 -19.70 2.97 1.49
CA ASN A 87 -18.32 3.09 1.98
C ASN A 87 -17.56 1.76 2.03
N ILE A 88 -18.13 0.73 1.40
CA ILE A 88 -17.52 -0.58 1.33
C ILE A 88 -17.33 -0.96 -0.14
N MET A 89 -16.13 -1.38 -0.48
CA MET A 89 -15.86 -1.87 -1.83
C MET A 89 -16.84 -2.95 -2.21
N LYS A 90 -17.40 -2.84 -3.42
CA LYS A 90 -18.31 -3.88 -3.94
C LYS A 90 -17.57 -5.03 -4.58
N LEU A 91 -17.85 -6.24 -4.09
CA LEU A 91 -17.37 -7.47 -4.69
C LEU A 91 -18.41 -8.05 -5.66
N TYR A 92 -17.95 -8.40 -6.86
CA TYR A 92 -18.81 -8.91 -7.91
C TYR A 92 -18.75 -10.41 -8.07
N GLU A 93 -17.54 -10.98 -8.04
CA GLU A 93 -17.34 -12.36 -8.45
C GLU A 93 -16.10 -12.97 -7.84
N PHE A 94 -16.06 -14.31 -7.88
CA PHE A 94 -14.94 -15.09 -7.37
C PHE A 94 -14.62 -16.23 -8.33
N PHE A 95 -13.34 -16.40 -8.69
CA PHE A 95 -12.87 -17.54 -9.48
C PHE A 95 -11.68 -18.21 -8.81
N GLU A 96 -11.46 -19.47 -9.18
CA GLU A 96 -10.35 -20.24 -8.64
C GLU A 96 -9.81 -21.15 -9.73
N ASP A 97 -8.49 -21.27 -9.82
CA ASP A 97 -7.89 -22.38 -10.57
C ASP A 97 -6.90 -23.08 -9.64
N LYS A 98 -6.11 -24.00 -10.19
CA LYS A 98 -5.16 -24.78 -9.39
C LYS A 98 -4.18 -23.91 -8.59
N GLY A 99 -3.81 -22.76 -9.13
CA GLY A 99 -2.78 -21.91 -8.53
C GLY A 99 -3.22 -20.59 -7.90
N TYR A 100 -4.47 -20.15 -8.16
CA TYR A 100 -4.90 -18.81 -7.75
C TYR A 100 -6.38 -18.67 -7.35
N PHE A 101 -6.67 -17.66 -6.54
CA PHE A 101 -8.03 -17.14 -6.38
C PHE A 101 -8.09 -15.80 -7.09
N TYR A 102 -9.20 -15.53 -7.75
CA TYR A 102 -9.38 -14.23 -8.44
C TYR A 102 -10.63 -13.60 -7.84
N LEU A 103 -10.47 -12.47 -7.18
CA LEU A 103 -11.58 -11.78 -6.55
C LEU A 103 -11.90 -10.52 -7.35
N VAL A 104 -13.09 -10.49 -7.96
CA VAL A 104 -13.46 -9.38 -8.87
C VAL A 104 -14.38 -8.39 -8.20
N GLY A 105 -13.97 -7.12 -8.23
CA GLY A 105 -14.79 -6.05 -7.67
C GLY A 105 -14.72 -4.73 -8.41
N GLU A 106 -15.38 -3.74 -7.82
CA GLU A 106 -15.44 -2.42 -8.35
C GLU A 106 -14.08 -1.72 -8.23
N VAL A 107 -13.68 -1.03 -9.30
CA VAL A 107 -12.43 -0.29 -9.31
C VAL A 107 -12.68 1.15 -8.92
N TYR A 108 -11.84 1.67 -8.02
CA TYR A 108 -11.89 3.06 -7.56
C TYR A 108 -10.63 3.76 -7.99
N THR A 109 -10.77 4.98 -8.50
CA THR A 109 -9.69 5.63 -9.21
C THR A 109 -9.13 6.87 -8.50
N GLY A 110 -9.67 7.19 -7.33
CA GLY A 110 -9.26 8.37 -6.56
C GLY A 110 -8.04 8.21 -5.67
N GLY A 111 -7.45 7.03 -5.65
CA GLY A 111 -6.26 6.78 -4.86
C GLY A 111 -6.51 6.64 -3.37
N GLU A 112 -5.43 6.53 -2.61
CA GLU A 112 -5.51 6.37 -1.15
C GLU A 112 -5.87 7.70 -0.52
N LEU A 113 -6.71 7.65 0.51
CA LEU A 113 -7.17 8.87 1.18
C LEU A 113 -6.02 9.82 1.54
N PHE A 114 -4.98 9.29 2.18
CA PHE A 114 -3.90 10.12 2.71
C PHE A 114 -3.12 10.85 1.60
N ASP A 115 -2.91 10.19 0.46
CA ASP A 115 -2.24 10.80 -0.69
C ASP A 115 -3.01 12.00 -1.23
N GLU A 116 -4.31 12.04 -0.94
CA GLU A 116 -5.12 13.18 -1.26
C GLU A 116 -4.95 14.26 -0.18
N ILE A 117 -5.03 13.85 1.08
CA ILE A 117 -5.00 14.78 2.20
C ILE A 117 -3.72 15.62 2.24
N ILE A 118 -2.59 15.00 1.91
CA ILE A 118 -1.30 15.67 1.89
C ILE A 118 -1.15 16.78 0.85
N SER A 119 -2.08 16.85 -0.11
CA SER A 119 -2.10 17.92 -1.11
C SER A 119 -2.98 19.10 -0.69
N ARG A 120 -3.73 18.96 0.40
CA ARG A 120 -4.61 20.05 0.85
C ARG A 120 -3.83 21.15 1.54
N LYS A 121 -4.32 22.39 1.41
CA LYS A 121 -3.73 23.54 2.08
C LYS A 121 -4.39 23.77 3.44
N ARG A 122 -5.68 23.45 3.55
CA ARG A 122 -6.40 23.52 4.81
CA ARG A 122 -6.39 23.52 4.83
C ARG A 122 -7.05 22.18 5.16
N PHE A 123 -7.13 21.89 6.46
CA PHE A 123 -7.74 20.66 6.96
C PHE A 123 -8.20 20.92 8.40
N SER A 124 -9.49 20.78 8.67
CA SER A 124 -10.07 21.07 9.99
C SER A 124 -10.63 19.82 10.64
N GLU A 125 -11.21 19.98 11.83
CA GLU A 125 -11.90 18.87 12.51
C GLU A 125 -13.10 18.40 11.72
N VAL A 126 -13.77 19.33 11.04
CA VAL A 126 -14.91 19.00 10.21
C VAL A 126 -14.51 18.04 9.08
N ASP A 127 -13.36 18.29 8.47
CA ASP A 127 -12.87 17.43 7.41
C ASP A 127 -12.52 16.07 8.00
N ALA A 128 -11.82 16.05 9.14
CA ALA A 128 -11.57 14.80 9.87
C ALA A 128 -12.86 14.05 10.23
N ALA A 129 -13.85 14.76 10.74
CA ALA A 129 -15.10 14.13 11.17
C ALA A 129 -15.80 13.47 10.00
N ARG A 130 -15.85 14.16 8.87
CA ARG A 130 -16.54 13.65 7.68
C ARG A 130 -15.88 12.37 7.17
N ILE A 131 -14.55 12.36 7.13
CA ILE A 131 -13.77 11.18 6.79
C ILE A 131 -14.11 10.02 7.71
N ILE A 132 -14.03 10.27 9.01
CA ILE A 132 -14.25 9.23 10.03
C ILE A 132 -15.70 8.75 10.14
N ARG A 133 -16.67 9.63 9.88
CA ARG A 133 -18.07 9.17 9.81
C ARG A 133 -18.28 8.16 8.67
N GLN A 134 -17.53 8.30 7.58
CA GLN A 134 -17.67 7.39 6.45
C GLN A 134 -17.08 6.03 6.80
N VAL A 135 -15.97 6.05 7.51
CA VAL A 135 -15.30 4.84 7.89
C VAL A 135 -16.18 4.09 8.89
N LEU A 136 -16.69 4.79 9.91
CA LEU A 136 -17.57 4.19 10.90
C LEU A 136 -18.85 3.67 10.30
N SER A 137 -19.38 4.39 9.32
CA SER A 137 -20.58 3.93 8.63
C SER A 137 -20.37 2.59 7.91
N GLY A 138 -19.29 2.47 7.14
CA GLY A 138 -18.98 1.20 6.48
C GLY A 138 -18.74 0.08 7.49
N ILE A 139 -17.96 0.40 8.53
CA ILE A 139 -17.63 -0.58 9.54
C ILE A 139 -18.90 -1.05 10.27
N THR A 140 -19.75 -0.10 10.63
CA THR A 140 -20.97 -0.45 11.35
C THR A 140 -21.79 -1.46 10.55
N TYR A 141 -21.95 -1.20 9.25
CA TYR A 141 -22.67 -2.10 8.36
C TYR A 141 -22.05 -3.49 8.23
N MET A 142 -20.72 -3.57 8.15
CA MET A 142 -20.06 -4.85 8.03
C MET A 142 -20.14 -5.62 9.34
N HIS A 143 -20.09 -4.92 10.47
CA HIS A 143 -20.18 -5.61 11.78
C HIS A 143 -21.56 -6.20 12.01
N LYS A 144 -22.58 -5.51 11.49
CA LYS A 144 -23.95 -6.04 11.49
C LYS A 144 -24.00 -7.40 10.80
N ASN A 145 -23.19 -7.57 9.77
CA ASN A 145 -23.12 -8.81 9.02
C ASN A 145 -22.02 -9.75 9.52
N LYS A 146 -21.46 -9.42 10.70
CA LYS A 146 -20.46 -10.25 11.38
C LYS A 146 -19.17 -10.43 10.57
N ILE A 147 -18.83 -9.41 9.80
CA ILE A 147 -17.59 -9.40 9.04
C ILE A 147 -16.68 -8.40 9.72
N VAL A 148 -15.45 -8.86 9.99
CA VAL A 148 -14.43 -8.09 10.68
C VAL A 148 -13.30 -7.79 9.68
N HIS A 149 -12.66 -6.62 9.79
CA HIS A 149 -11.57 -6.31 8.89
C HIS A 149 -10.23 -6.78 9.47
N ARG A 150 -9.91 -6.28 10.66
CA ARG A 150 -8.67 -6.57 11.42
C ARG A 150 -7.45 -5.76 10.97
N ASP A 151 -7.34 -5.49 9.69
CA ASP A 151 -6.18 -4.82 9.11
C ASP A 151 -6.55 -3.45 8.56
N LEU A 152 -7.48 -2.78 9.21
CA LEU A 152 -7.90 -1.45 8.80
C LEU A 152 -6.74 -0.48 8.98
N LYS A 153 -6.41 0.23 7.91
CA LYS A 153 -5.32 1.20 7.89
C LYS A 153 -5.56 2.16 6.73
N PRO A 154 -4.84 3.29 6.69
CA PRO A 154 -5.06 4.29 5.62
C PRO A 154 -4.99 3.74 4.20
N GLU A 155 -4.07 2.81 3.97
CA GLU A 155 -3.86 2.20 2.66
C GLU A 155 -5.11 1.48 2.14
N ASN A 156 -6.01 1.11 3.07
CA ASN A 156 -7.27 0.44 2.77
C ASN A 156 -8.47 1.36 2.64
N LEU A 157 -8.20 2.67 2.63
CA LEU A 157 -9.21 3.66 2.37
C LEU A 157 -8.93 4.31 1.02
N LEU A 158 -9.68 3.87 0.01
CA LEU A 158 -9.60 4.41 -1.32
C LEU A 158 -10.70 5.46 -1.55
N LEU A 159 -10.41 6.38 -2.46
CA LEU A 159 -11.37 7.40 -2.87
C LEU A 159 -11.97 7.02 -4.23
N GLU A 160 -13.23 7.35 -4.46
CA GLU A 160 -13.84 7.18 -5.79
C GLU A 160 -13.32 8.23 -6.79
N SER A 161 -12.85 9.37 -6.27
CA SER A 161 -12.04 10.31 -7.06
C SER A 161 -11.09 11.11 -6.16
N LYS A 162 -9.96 11.55 -6.73
CA LYS A 162 -8.93 12.28 -5.99
C LYS A 162 -9.40 13.71 -5.69
N SER A 163 -10.26 13.79 -4.69
CA SER A 163 -10.95 15.02 -4.35
C SER A 163 -11.32 14.94 -2.88
N LYS A 164 -11.34 16.08 -2.20
CA LYS A 164 -11.74 16.09 -0.79
C LYS A 164 -13.23 15.79 -0.63
N ASP A 165 -14.00 15.94 -1.72
CA ASP A 165 -15.45 15.69 -1.71
C ASP A 165 -15.85 14.22 -2.04
N ALA A 166 -14.89 13.41 -2.49
CA ALA A 166 -15.20 12.07 -2.99
C ALA A 166 -15.54 11.09 -1.87
N ASN A 167 -16.33 10.08 -2.18
CA ASN A 167 -16.64 9.02 -1.21
C ASN A 167 -15.46 8.08 -0.94
N ILE A 168 -15.36 7.65 0.33
CA ILE A 168 -14.35 6.68 0.77
C ILE A 168 -14.90 5.27 0.66
N ARG A 169 -14.10 4.38 0.10
CA ARG A 169 -14.44 2.96 0.03
C ARG A 169 -13.39 2.22 0.80
N ILE A 170 -13.84 1.44 1.78
CA ILE A 170 -12.95 0.54 2.53
C ILE A 170 -12.73 -0.74 1.74
N ILE A 171 -11.46 -1.08 1.52
CA ILE A 171 -11.09 -2.31 0.83
C ILE A 171 -10.56 -3.33 1.85
N ASP A 172 -10.67 -4.61 1.48
CA ASP A 172 -10.14 -5.77 2.20
C ASP A 172 -10.92 -6.30 3.41
N PHE A 173 -12.14 -5.82 3.66
CA PHE A 173 -12.98 -6.42 4.70
C PHE A 173 -13.11 -7.93 4.51
N GLY A 174 -12.97 -8.67 5.61
CA GLY A 174 -13.16 -10.11 5.57
C GLY A 174 -12.01 -10.97 5.07
N LEU A 175 -11.01 -10.39 4.41
CA LEU A 175 -9.90 -11.22 3.88
C LEU A 175 -9.02 -11.90 4.97
N SER A 176 -8.77 -11.20 6.07
CA SER A 176 -7.88 -11.69 7.11
C SER A 176 -8.42 -12.93 7.81
N THR A 177 -9.73 -13.10 7.77
CA THR A 177 -10.37 -14.26 8.34
C THR A 177 -9.97 -15.55 7.59
N HIS A 178 -9.66 -15.43 6.29
CA HIS A 178 -9.43 -16.60 5.42
C HIS A 178 -8.01 -16.77 4.85
N PHE A 179 -7.17 -15.74 4.96
CA PHE A 179 -5.84 -15.76 4.35
C PHE A 179 -4.77 -15.27 5.33
N GLU A 180 -3.65 -15.97 5.40
CA GLU A 180 -2.59 -15.64 6.36
C GLU A 180 -1.74 -14.53 5.78
N ALA A 181 -1.45 -13.54 6.62
CA ALA A 181 -0.66 -12.38 6.20
C ALA A 181 0.81 -12.75 6.01
N SER A 182 1.44 -12.15 5.01
CA SER A 182 2.87 -12.38 4.75
C SER A 182 3.73 -11.66 5.78
N LYS A 183 4.91 -12.21 6.04
CA LYS A 183 5.87 -11.65 6.99
C LYS A 183 6.98 -10.87 6.29
N LYS A 184 6.83 -10.65 4.99
CA LYS A 184 7.76 -9.80 4.23
C LYS A 184 7.48 -8.34 4.56
N MET A 185 8.55 -7.58 4.84
CA MET A 185 8.39 -6.20 5.31
C MET A 185 7.71 -5.28 4.27
N LYS A 186 8.03 -5.49 3.00
CA LYS A 186 7.35 -4.78 1.90
C LYS A 186 5.83 -4.84 1.97
N ASP A 187 5.29 -5.92 2.52
CA ASP A 187 3.83 -6.15 2.59
C ASP A 187 3.18 -5.54 3.82
N LYS A 188 3.97 -5.22 4.84
CA LYS A 188 3.41 -4.86 6.15
C LYS A 188 3.86 -3.48 6.69
N ILE A 189 4.22 -2.56 5.77
CA ILE A 189 4.69 -1.25 6.15
C ILE A 189 3.52 -0.49 6.72
N GLY A 190 3.74 0.08 7.91
CA GLY A 190 2.71 0.85 8.55
C GLY A 190 1.70 0.01 9.29
N THR A 191 1.71 -1.32 9.11
CA THR A 191 0.69 -2.13 9.78
C THR A 191 0.73 -1.99 11.28
N ALA A 192 1.92 -1.82 11.87
CA ALA A 192 2.03 -1.83 13.34
C ALA A 192 1.26 -0.70 14.02
N TYR A 193 1.12 0.43 13.34
CA TYR A 193 0.54 1.61 13.96
C TYR A 193 -0.93 1.39 14.31
N TYR A 194 -1.62 0.59 13.51
CA TYR A 194 -3.09 0.52 13.52
C TYR A 194 -3.67 -0.75 14.15
N ILE A 195 -2.85 -1.75 14.40
CA ILE A 195 -3.32 -3.05 14.86
C ILE A 195 -3.71 -3.00 16.33
N ALA A 196 -4.86 -3.60 16.67
CA ALA A 196 -5.39 -3.59 18.02
C ALA A 196 -4.54 -4.50 18.91
N PRO A 197 -4.34 -4.12 20.17
CA PRO A 197 -3.47 -4.91 21.05
C PRO A 197 -3.96 -6.35 21.21
N GLU A 198 -5.29 -6.53 21.23
CA GLU A 198 -5.87 -7.84 21.45
C GLU A 198 -5.66 -8.73 20.24
N VAL A 199 -5.40 -8.14 19.07
CA VAL A 199 -5.03 -8.89 17.87
C VAL A 199 -3.60 -9.47 18.04
N LEU A 200 -2.69 -8.70 18.60
CA LEU A 200 -1.33 -9.18 18.91
C LEU A 200 -1.37 -10.42 19.80
N HIS A 201 -2.31 -10.44 20.74
CA HIS A 201 -2.39 -11.53 21.73
C HIS A 201 -3.28 -12.71 21.34
N GLY A 202 -4.08 -12.57 20.29
CA GLY A 202 -4.82 -13.69 19.69
C GLY A 202 -6.34 -13.70 19.81
N THR A 203 -6.89 -13.15 20.89
CA THR A 203 -8.34 -13.12 21.09
C THR A 203 -8.85 -11.77 20.61
N TYR A 204 -9.56 -11.77 19.49
CA TYR A 204 -10.12 -10.52 18.95
C TYR A 204 -11.48 -10.77 18.29
N ASP A 205 -12.22 -9.67 18.20
CA ASP A 205 -13.54 -9.65 17.58
C ASP A 205 -13.65 -8.32 16.85
N GLU A 206 -14.86 -7.95 16.45
CA GLU A 206 -15.08 -6.74 15.65
C GLU A 206 -14.59 -5.44 16.32
N LYS A 207 -14.48 -5.40 17.65
CA LYS A 207 -13.99 -4.20 18.33
C LYS A 207 -12.57 -3.77 17.88
N CYS A 208 -11.77 -4.69 17.36
CA CYS A 208 -10.46 -4.32 16.87
C CYS A 208 -10.53 -3.27 15.75
N ASP A 209 -11.61 -3.26 14.98
CA ASP A 209 -11.77 -2.27 13.89
C ASP A 209 -12.11 -0.87 14.41
N VAL A 210 -12.72 -0.80 15.57
CA VAL A 210 -12.92 0.48 16.24
C VAL A 210 -11.57 1.04 16.71
N TRP A 211 -10.69 0.17 17.24
CA TRP A 211 -9.36 0.62 17.65
C TRP A 211 -8.59 1.19 16.45
N SER A 212 -8.49 0.44 15.37
CA SER A 212 -7.79 0.92 14.18
C SER A 212 -8.36 2.23 13.68
N THR A 213 -9.69 2.38 13.69
CA THR A 213 -10.29 3.67 13.28
C THR A 213 -9.90 4.80 14.22
N GLY A 214 -9.81 4.50 15.51
CA GLY A 214 -9.40 5.49 16.53
C GLY A 214 -7.95 5.94 16.32
N VAL A 215 -7.09 5.01 15.89
CA VAL A 215 -5.71 5.36 15.58
C VAL A 215 -5.66 6.29 14.35
N ILE A 216 -6.45 5.97 13.35
CA ILE A 216 -6.53 6.79 12.15
C ILE A 216 -7.05 8.19 12.51
N LEU A 217 -8.03 8.24 13.40
CA LEU A 217 -8.64 9.53 13.76
C LEU A 217 -7.61 10.40 14.48
N TYR A 218 -6.92 9.80 15.45
CA TYR A 218 -5.79 10.43 16.11
C TYR A 218 -4.76 11.03 15.15
N ILE A 219 -4.41 10.29 14.10
CA ILE A 219 -3.46 10.77 13.09
C ILE A 219 -4.00 11.93 12.24
N LEU A 220 -5.29 11.90 11.91
CA LEU A 220 -5.92 12.96 11.12
C LEU A 220 -5.88 14.29 11.87
N LEU A 221 -6.00 14.21 13.18
CA LEU A 221 -6.12 15.40 14.02
C LEU A 221 -4.80 15.93 14.57
N SER A 222 -3.77 15.10 14.57
CA SER A 222 -2.46 15.51 15.07
C SER A 222 -1.32 15.31 14.08
N GLY A 223 -1.52 14.46 13.07
CA GLY A 223 -0.47 14.13 12.10
C GLY A 223 0.56 13.12 12.59
N CYS A 224 0.37 12.60 13.80
CA CYS A 224 1.36 11.73 14.42
C CYS A 224 0.64 10.49 14.94
N PRO A 225 1.23 9.31 14.73
CA PRO A 225 0.59 8.13 15.30
C PRO A 225 0.61 8.14 16.85
N PRO A 226 -0.47 7.71 17.48
CA PRO A 226 -0.51 7.62 18.95
C PRO A 226 0.51 6.62 19.53
N PHE A 227 0.71 5.52 18.83
CA PHE A 227 1.70 4.53 19.22
C PHE A 227 2.79 4.55 18.16
N ASN A 228 3.94 5.09 18.55
CA ASN A 228 5.02 5.34 17.61
C ASN A 228 6.35 4.83 18.12
N GLY A 229 7.31 4.68 17.22
CA GLY A 229 8.53 3.98 17.56
C GLY A 229 9.46 3.87 16.36
N ALA A 230 10.70 3.48 16.64
CA ALA A 230 11.79 3.53 15.65
C ALA A 230 11.83 2.32 14.68
N ASN A 231 10.99 1.32 14.92
CA ASN A 231 10.97 0.08 14.14
C ASN A 231 9.70 -0.67 14.53
N GLU A 232 9.42 -1.78 13.85
CA GLU A 232 8.21 -2.52 14.09
C GLU A 232 8.07 -2.93 15.56
N TYR A 233 9.11 -3.53 16.14
CA TYR A 233 9.01 -3.99 17.52
C TYR A 233 8.67 -2.86 18.49
N ASP A 234 9.33 -1.72 18.33
CA ASP A 234 9.09 -0.60 19.23
C ASP A 234 7.66 -0.11 19.19
N ILE A 235 7.08 -0.04 17.98
CA ILE A 235 5.73 0.42 17.80
C ILE A 235 4.78 -0.57 18.46
N LEU A 236 4.93 -1.85 18.14
CA LEU A 236 4.09 -2.92 18.71
C LEU A 236 4.14 -2.98 20.24
N LYS A 237 5.31 -2.70 20.81
CA LYS A 237 5.49 -2.70 22.25
C LYS A 237 4.65 -1.57 22.87
N LYS A 238 4.56 -0.44 22.17
CA LYS A 238 3.75 0.68 22.63
C LYS A 238 2.26 0.38 22.47
N VAL A 239 1.87 -0.28 21.39
CA VAL A 239 0.48 -0.67 21.20
C VAL A 239 0.08 -1.65 22.31
N GLU A 240 0.91 -2.64 22.56
CA GLU A 240 0.58 -3.64 23.57
C GLU A 240 0.40 -3.04 24.99
N LYS A 241 1.26 -2.09 25.34
CA LYS A 241 1.13 -1.35 26.59
C LYS A 241 -0.11 -0.46 26.55
N GLY A 242 -0.50 0.00 25.36
CA GLY A 242 -1.78 0.66 25.19
C GLY A 242 -1.86 2.09 25.71
N LYS A 243 -0.72 2.67 26.10
CA LYS A 243 -0.69 4.00 26.67
C LYS A 243 -0.36 5.02 25.58
N TYR A 244 -1.13 6.10 25.55
CA TYR A 244 -0.93 7.19 24.62
C TYR A 244 -1.44 8.48 25.28
N THR A 245 -1.02 9.63 24.75
CA THR A 245 -1.40 10.93 25.30
C THR A 245 -1.78 11.93 24.23
N PHE A 246 -2.36 13.03 24.67
CA PHE A 246 -2.58 14.21 23.85
C PHE A 246 -1.55 15.32 24.21
N GLU A 247 -0.37 14.88 24.65
CA GLU A 247 0.76 15.76 25.05
C GLU A 247 1.23 16.74 24.00
N LEU A 248 1.13 16.39 22.72
CA LEU A 248 1.71 17.21 21.66
C LEU A 248 1.04 18.60 21.57
N PRO A 249 1.79 19.63 21.10
CA PRO A 249 1.25 21.00 21.10
C PRO A 249 -0.02 21.13 20.28
N GLN A 250 -0.06 20.47 19.14
CA GLN A 250 -1.16 20.61 18.20
C GLN A 250 -2.50 20.04 18.72
N TRP A 251 -2.50 19.33 19.85
CA TRP A 251 -3.75 18.90 20.50
C TRP A 251 -4.51 20.03 21.23
N LYS A 252 -3.85 21.18 21.44
CA LYS A 252 -4.54 22.35 21.98
C LYS A 252 -5.57 22.90 20.99
N LYS A 253 -5.32 22.78 19.70
CA LYS A 253 -6.28 23.26 18.69
C LYS A 253 -7.44 22.29 18.44
N VAL A 254 -7.54 21.22 19.23
CA VAL A 254 -8.58 20.22 19.02
C VAL A 254 -9.60 20.19 20.16
N SER A 255 -10.88 20.03 19.80
CA SER A 255 -11.95 20.02 20.78
C SER A 255 -11.81 18.86 21.74
N GLU A 256 -12.24 19.09 22.98
CA GLU A 256 -12.29 18.04 24.01
C GLU A 256 -13.19 16.89 23.55
N SER A 257 -14.21 17.24 22.78
CA SER A 257 -15.14 16.28 22.20
C SER A 257 -14.48 15.25 21.25
N ALA A 258 -13.68 15.71 20.28
CA ALA A 258 -12.86 14.80 19.46
C ALA A 258 -12.02 13.87 20.34
N LYS A 259 -11.35 14.43 21.33
CA LYS A 259 -10.50 13.66 22.24
C LYS A 259 -11.28 12.61 23.04
N ASP A 260 -12.47 12.98 23.50
CA ASP A 260 -13.34 12.06 24.20
C ASP A 260 -13.68 10.82 23.36
N LEU A 261 -14.00 11.02 22.08
CA LEU A 261 -14.29 9.88 21.16
C LEU A 261 -13.04 9.02 20.96
N ILE A 262 -11.89 9.68 20.82
CA ILE A 262 -10.63 8.94 20.70
C ILE A 262 -10.37 8.07 21.93
N ARG A 263 -10.72 8.56 23.12
CA ARG A 263 -10.50 7.80 24.34
C ARG A 263 -11.37 6.56 24.39
N LYS A 264 -12.60 6.72 23.92
CA LYS A 264 -13.54 5.63 23.82
C LYS A 264 -13.16 4.62 22.72
N MET A 265 -12.67 5.08 21.58
CA MET A 265 -12.26 4.15 20.52
C MET A 265 -10.92 3.43 20.85
N LEU A 266 -10.06 4.08 21.63
CA LEU A 266 -8.78 3.51 22.02
C LEU A 266 -8.80 2.93 23.44
N THR A 267 -9.99 2.60 23.94
CA THR A 267 -10.13 1.91 25.22
C THR A 267 -9.56 0.49 25.11
N TYR A 268 -8.76 0.10 26.09
CA TYR A 268 -7.92 -1.06 25.96
C TYR A 268 -8.68 -2.37 25.90
N VAL A 269 -9.54 -2.59 26.88
CA VAL A 269 -10.30 -3.83 26.97
C VAL A 269 -11.45 -3.71 25.98
N PRO A 270 -11.55 -4.66 25.04
CA PRO A 270 -12.50 -4.47 23.94
C PRO A 270 -13.97 -4.38 24.37
N SER A 271 -14.36 -5.11 25.41
CA SER A 271 -15.75 -5.08 25.90
C SER A 271 -16.09 -3.72 26.49
N MET A 272 -15.07 -2.98 26.93
CA MET A 272 -15.25 -1.60 27.40
C MET A 272 -15.14 -0.60 26.24
N ARG A 273 -14.55 -1.02 25.13
CA ARG A 273 -14.41 -0.14 23.99
C ARG A 273 -15.75 0.10 23.33
N ILE A 274 -16.00 1.34 22.94
CA ILE A 274 -17.21 1.72 22.23
C ILE A 274 -17.38 0.93 20.91
N SER A 275 -18.62 0.71 20.53
CA SER A 275 -18.94 0.05 19.27
C SER A 275 -18.82 1.05 18.11
N ALA A 276 -18.69 0.53 16.90
CA ALA A 276 -18.79 1.36 15.70
C ALA A 276 -20.15 2.08 15.59
N ARG A 277 -21.23 1.40 15.98
CA ARG A 277 -22.58 2.00 15.93
C ARG A 277 -22.64 3.20 16.86
N ASP A 278 -22.21 3.01 18.11
CA ASP A 278 -22.21 4.09 19.09
C ASP A 278 -21.20 5.19 18.80
N ALA A 279 -20.13 4.88 18.07
CA ALA A 279 -19.18 5.94 17.71
C ALA A 279 -19.80 6.87 16.67
N LEU A 280 -20.56 6.32 15.72
CA LEU A 280 -21.40 7.13 14.80
C LEU A 280 -22.35 8.09 15.52
N ASP A 281 -22.88 7.66 16.67
CA ASP A 281 -23.80 8.47 17.47
C ASP A 281 -23.09 9.50 18.32
N HIS A 282 -21.75 9.49 18.34
CA HIS A 282 -21.01 10.36 19.25
C HIS A 282 -21.23 11.85 18.95
N GLU A 283 -21.35 12.63 20.02
CA GLU A 283 -21.51 14.10 19.95
C GLU A 283 -20.61 14.76 18.87
N TRP A 284 -19.32 14.37 18.87
CA TRP A 284 -18.33 14.89 17.91
C TRP A 284 -18.72 14.65 16.47
N ILE A 285 -19.16 13.42 16.17
CA ILE A 285 -19.58 13.06 14.82
C ILE A 285 -20.83 13.83 14.45
N GLN A 286 -21.83 13.80 15.33
CA GLN A 286 -23.10 14.53 15.13
C GLN A 286 -22.80 15.99 14.81
N THR A 287 -22.01 16.61 15.68
CA THR A 287 -21.74 18.05 15.65
C THR A 287 -20.88 18.48 14.44
N TYR A 288 -19.83 17.72 14.13
CA TYR A 288 -18.87 18.15 13.11
C TYR A 288 -19.14 17.66 11.68
N THR A 289 -20.13 16.79 11.48
CA THR A 289 -20.44 16.27 10.13
C THR A 289 -21.74 16.83 9.57
N LYS A 290 -22.26 17.88 10.22
CA LYS A 290 -23.40 18.63 9.71
C LYS A 290 -23.04 19.22 8.34
N GLU A 291 -23.91 19.02 7.35
CA GLU A 291 -23.75 19.64 6.02
C GLU A 291 -23.37 21.12 6.19
N GLN A 292 -24.16 21.82 6.98
CA GLN A 292 -23.94 23.23 7.30
C GLN A 292 -22.91 23.39 8.40
N ILE A 293 -21.74 23.93 8.06
CA ILE A 293 -20.68 24.16 9.05
C ILE A 293 -21.07 25.33 9.96
N SER A 294 -21.44 25.01 11.19
CA SER A 294 -21.91 25.97 12.17
C SER A 294 -20.87 26.23 13.26
N VAL A 295 -19.76 25.50 13.19
CA VAL A 295 -18.73 25.54 14.23
C VAL A 295 -17.41 26.11 13.67
N ASP A 296 -16.52 26.53 14.56
CA ASP A 296 -15.20 27.04 14.19
C ASP A 296 -14.36 25.98 13.47
N VAL A 297 -13.66 26.41 12.42
CA VAL A 297 -12.87 25.50 11.61
C VAL A 297 -11.47 26.06 11.37
N PRO A 298 -10.69 26.25 12.45
CA PRO A 298 -9.27 26.59 12.26
C PRO A 298 -8.54 25.46 11.55
N SER A 299 -7.78 25.79 10.51
CA SER A 299 -6.97 24.81 9.80
C SER A 299 -5.93 24.22 10.77
N LEU A 300 -5.86 22.89 10.81
CA LEU A 300 -4.93 22.20 11.66
C LEU A 300 -3.61 22.14 10.93
N ASP A 301 -2.89 23.26 10.95
CA ASP A 301 -1.74 23.44 10.07
C ASP A 301 -0.57 22.52 10.42
N ASN A 302 -0.27 22.37 11.71
CA ASN A 302 0.84 21.49 12.11
C ASN A 302 0.54 20.01 11.82
N ALA A 303 -0.71 19.61 12.03
CA ALA A 303 -1.19 18.27 11.68
C ALA A 303 -1.00 17.95 10.18
N ILE A 304 -1.27 18.91 9.30
CA ILE A 304 -1.08 18.69 7.87
C ILE A 304 0.42 18.53 7.56
N LEU A 305 1.23 19.41 8.13
CA LEU A 305 2.67 19.30 7.96
C LEU A 305 3.17 17.94 8.49
N ASN A 306 2.64 17.52 9.63
CA ASN A 306 2.99 16.23 10.22
C ASN A 306 2.45 15.05 9.42
N ILE A 307 1.23 15.13 8.95
CA ILE A 307 0.73 14.04 8.14
C ILE A 307 1.53 13.90 6.84
N ARG A 308 1.92 15.02 6.22
CA ARG A 308 2.79 15.01 5.04
C ARG A 308 4.12 14.34 5.32
N GLN A 309 4.74 14.68 6.46
CA GLN A 309 5.98 14.03 6.86
C GLN A 309 5.75 12.53 7.05
N PHE A 310 4.60 12.20 7.62
CA PHE A 310 4.28 10.82 7.93
C PHE A 310 4.06 10.04 6.65
N GLN A 311 3.22 10.56 5.76
CA GLN A 311 2.94 9.89 4.50
C GLN A 311 4.22 9.76 3.68
N GLY A 312 4.99 10.84 3.60
CA GLY A 312 6.22 10.84 2.82
C GLY A 312 7.20 9.79 3.29
N THR A 313 7.35 9.66 4.59
CA THR A 313 8.22 8.66 5.19
C THR A 313 7.75 7.22 4.94
N GLN A 314 6.47 6.98 5.16
CA GLN A 314 5.89 5.67 4.86
C GLN A 314 6.03 5.31 3.38
N LYS A 315 5.85 6.28 2.48
CA LYS A 315 5.93 5.99 1.04
C LYS A 315 7.38 5.74 0.60
N LEU A 316 8.32 6.50 1.17
CA LEU A 316 9.73 6.31 0.84
C LEU A 316 10.27 4.96 1.37
N ALA A 317 9.94 4.60 2.61
CA ALA A 317 10.30 3.28 3.12
C ALA A 317 9.71 2.16 2.26
N GLN A 318 8.44 2.26 1.90
CA GLN A 318 7.79 1.27 1.01
C GLN A 318 8.49 1.20 -0.36
N ALA A 319 8.72 2.36 -0.95
CA ALA A 319 9.41 2.49 -2.23
C ALA A 319 10.82 1.87 -2.19
N ALA A 320 11.54 2.10 -1.09
CA ALA A 320 12.87 1.57 -0.88
C ALA A 320 12.87 0.03 -0.91
N LEU A 321 11.98 -0.57 -0.13
CA LEU A 321 11.81 -2.04 -0.13
C LEU A 321 11.43 -2.59 -1.50
N LEU A 322 10.52 -1.90 -2.18
CA LEU A 322 10.11 -2.35 -3.52
C LEU A 322 11.25 -2.24 -4.53
N TYR A 323 12.11 -1.23 -4.39
CA TYR A 323 13.26 -1.05 -5.27
C TYR A 323 14.28 -2.18 -5.09
N MET A 324 14.54 -2.54 -3.84
CA MET A 324 15.46 -3.64 -3.55
C MET A 324 14.86 -4.97 -4.04
N GLY A 325 13.58 -5.20 -3.76
CA GLY A 325 12.87 -6.36 -4.30
C GLY A 325 12.98 -6.47 -5.81
N SER A 326 12.81 -5.34 -6.49
CA SER A 326 12.82 -5.30 -7.95
C SER A 326 14.19 -5.55 -8.52
N LYS A 327 15.24 -5.08 -7.84
CA LYS A 327 16.61 -5.32 -8.30
C LYS A 327 17.01 -6.80 -8.17
N LEU A 328 16.48 -7.50 -7.16
CA LEU A 328 16.73 -8.93 -7.02
C LEU A 328 15.99 -9.69 -8.13
N THR A 329 14.71 -9.41 -8.30
CA THR A 329 13.89 -10.00 -9.37
C THR A 329 14.49 -9.82 -10.78
N SER A 330 14.97 -8.61 -11.08
CA SER A 330 15.56 -8.32 -12.39
C SER A 330 16.90 -9.05 -12.61
N GLN A 331 17.60 -9.35 -11.52
CA GLN A 331 18.87 -10.08 -11.58
C GLN A 331 18.65 -11.50 -12.06
N ASP A 332 17.68 -12.18 -11.43
CA ASP A 332 17.26 -13.52 -11.85
C ASP A 332 16.84 -13.48 -13.30
N GLU A 333 15.87 -12.63 -13.60
CA GLU A 333 15.30 -12.56 -14.94
C GLU A 333 16.33 -12.24 -16.03
N THR A 334 17.34 -11.42 -15.72
CA THR A 334 18.44 -11.22 -16.67
C THR A 334 19.14 -12.54 -17.01
N LYS A 335 19.43 -13.33 -15.99
CA LYS A 335 20.08 -14.64 -16.16
C LYS A 335 19.22 -15.60 -16.98
N GLU A 336 17.95 -15.75 -16.60
CA GLU A 336 17.02 -16.63 -17.30
C GLU A 336 16.89 -16.27 -18.78
N LEU A 337 16.72 -14.97 -19.05
CA LEU A 337 16.52 -14.48 -20.43
C LEU A 337 17.70 -14.81 -21.33
N THR A 338 18.91 -14.57 -20.84
CA THR A 338 20.14 -14.88 -21.58
C THR A 338 20.25 -16.39 -21.84
N ALA A 339 19.88 -17.20 -20.84
CA ALA A 339 19.86 -18.66 -20.98
C ALA A 339 18.91 -19.08 -22.09
N ILE A 340 17.70 -18.53 -22.03
CA ILE A 340 16.65 -18.81 -23.01
C ILE A 340 17.14 -18.47 -24.42
N PHE A 341 17.54 -17.21 -24.65
CA PHE A 341 18.07 -16.82 -25.96
C PHE A 341 19.26 -17.68 -26.38
N HIS A 342 20.12 -18.02 -25.43
CA HIS A 342 21.25 -18.92 -25.73
C HIS A 342 20.78 -20.27 -26.32
N LYS A 343 19.84 -20.95 -25.66
CA LYS A 343 19.27 -22.20 -26.20
C LYS A 343 18.77 -22.01 -27.64
N MET A 344 17.98 -20.97 -27.84
CA MET A 344 17.45 -20.61 -29.16
C MET A 344 18.53 -20.29 -30.20
N ASP A 345 19.71 -19.84 -29.72
CA ASP A 345 20.82 -19.46 -30.59
C ASP A 345 21.58 -20.68 -31.12
N LYS A 346 20.95 -21.37 -32.06
CA LYS A 346 21.52 -22.58 -32.64
C LYS A 346 22.74 -22.27 -33.50
N ASN A 347 22.73 -21.10 -34.15
CA ASN A 347 23.89 -20.57 -34.88
C ASN A 347 25.09 -20.35 -33.98
N GLY A 348 24.82 -19.88 -32.78
CA GLY A 348 25.86 -19.41 -31.86
C GLY A 348 26.45 -18.06 -32.27
N ASP A 349 25.74 -17.30 -33.10
CA ASP A 349 26.22 -15.99 -33.55
C ASP A 349 25.68 -14.84 -32.70
N GLY A 350 24.87 -15.16 -31.71
CA GLY A 350 24.37 -14.17 -30.75
C GLY A 350 23.36 -13.17 -31.30
N GLN A 351 22.83 -13.44 -32.49
CA GLN A 351 21.84 -12.57 -33.12
C GLN A 351 20.54 -13.34 -33.36
N LEU A 352 19.41 -12.70 -33.08
CA LEU A 352 18.08 -13.30 -33.29
C LEU A 352 17.19 -12.29 -34.03
N ASP A 353 16.09 -12.76 -34.61
CA ASP A 353 15.14 -11.82 -35.22
C ASP A 353 14.06 -11.45 -34.21
N ARG A 354 13.21 -10.51 -34.59
CA ARG A 354 12.08 -10.06 -33.79
C ARG A 354 11.25 -11.25 -33.29
N ALA A 355 10.95 -12.17 -34.19
CA ALA A 355 10.11 -13.34 -33.87
C ALA A 355 10.70 -14.14 -32.72
N GLU A 356 11.99 -14.45 -32.84
CA GLU A 356 12.69 -15.26 -31.85
C GLU A 356 12.75 -14.54 -30.49
N LEU A 357 12.97 -13.23 -30.51
CA LEU A 357 13.02 -12.41 -29.29
C LEU A 357 11.65 -12.41 -28.56
N ILE A 358 10.58 -12.33 -29.34
CA ILE A 358 9.21 -12.36 -28.80
C ILE A 358 8.91 -13.68 -28.08
N GLU A 359 9.22 -14.81 -28.73
CA GLU A 359 9.00 -16.11 -28.08
C GLU A 359 9.88 -16.25 -26.84
N GLY A 360 11.13 -15.82 -26.92
CA GLY A 360 12.03 -15.85 -25.77
C GLY A 360 11.50 -15.11 -24.55
N TYR A 361 10.89 -13.95 -24.77
CA TYR A 361 10.33 -13.16 -23.66
C TYR A 361 9.07 -13.80 -23.09
N LYS A 362 8.23 -14.36 -23.96
CA LYS A 362 7.09 -15.20 -23.56
C LYS A 362 7.57 -16.40 -22.71
N GLU A 363 8.63 -17.06 -23.20
CA GLU A 363 9.21 -18.24 -22.55
CA GLU A 363 9.17 -18.24 -22.53
C GLU A 363 9.63 -17.91 -21.11
N LEU A 364 10.18 -16.71 -20.93
CA LEU A 364 10.64 -16.26 -19.59
C LEU A 364 9.54 -16.43 -18.54
N MET A 365 8.34 -15.90 -18.83
CA MET A 365 7.21 -16.03 -17.91
C MET A 365 6.62 -17.45 -17.92
N GLU A 381 5.76 -8.13 -26.67
CA GLU A 381 5.67 -7.93 -28.11
C GLU A 381 5.81 -6.46 -28.43
N HIS A 382 4.85 -5.67 -27.96
CA HIS A 382 4.95 -4.20 -28.05
C HIS A 382 6.14 -3.75 -27.21
N GLU A 383 6.43 -4.47 -26.14
CA GLU A 383 7.64 -4.21 -25.35
C GLU A 383 8.91 -4.57 -26.13
N VAL A 384 8.89 -5.69 -26.86
CA VAL A 384 10.00 -6.03 -27.78
C VAL A 384 10.21 -4.90 -28.80
N ASP A 385 9.13 -4.39 -29.40
CA ASP A 385 9.24 -3.32 -30.38
C ASP A 385 9.81 -2.01 -29.80
N GLN A 386 9.49 -1.72 -28.53
CA GLN A 386 10.07 -0.56 -27.84
C GLN A 386 11.56 -0.75 -27.60
N VAL A 387 11.97 -1.99 -27.34
CA VAL A 387 13.36 -2.33 -27.15
C VAL A 387 14.15 -2.21 -28.47
N LEU A 388 13.62 -2.83 -29.52
CA LEU A 388 14.22 -2.76 -30.87
C LEU A 388 14.32 -1.31 -31.41
N ASP A 389 13.34 -0.48 -31.06
CA ASP A 389 13.37 0.97 -31.31
C ASP A 389 14.72 1.55 -30.91
N ALA A 390 15.14 1.22 -29.68
CA ALA A 390 16.44 1.65 -29.14
C ALA A 390 17.60 0.90 -29.78
N VAL A 391 17.47 -0.43 -29.88
CA VAL A 391 18.57 -1.31 -30.35
C VAL A 391 18.94 -1.12 -31.84
N ASP A 392 17.96 -1.32 -32.74
CA ASP A 392 18.15 -1.02 -34.17
C ASP A 392 16.94 -0.25 -34.71
N PHE A 393 17.06 1.06 -34.81
CA PHE A 393 15.95 1.90 -35.26
C PHE A 393 15.45 1.47 -36.66
N ASP A 394 16.37 1.25 -37.59
CA ASP A 394 16.00 0.90 -38.97
C ASP A 394 15.41 -0.51 -39.10
N LYS A 395 15.75 -1.41 -38.17
CA LYS A 395 15.43 -2.84 -38.26
C LYS A 395 15.97 -3.47 -39.55
N ASN A 396 17.23 -3.20 -39.85
CA ASN A 396 17.85 -3.69 -41.08
C ASN A 396 18.00 -5.20 -41.07
N GLY A 397 18.25 -5.76 -39.89
CA GLY A 397 18.48 -7.19 -39.80
C GLY A 397 18.21 -7.82 -38.44
N TYR A 398 19.22 -8.50 -37.92
CA TYR A 398 19.11 -9.28 -36.71
C TYR A 398 19.59 -8.47 -35.52
N ILE A 399 19.20 -8.91 -34.34
CA ILE A 399 19.45 -8.18 -33.12
C ILE A 399 20.42 -8.97 -32.26
N GLU A 400 21.46 -8.30 -31.79
CA GLU A 400 22.32 -8.84 -30.74
C GLU A 400 21.45 -9.07 -29.52
N TYR A 401 21.09 -10.32 -29.23
CA TYR A 401 20.18 -10.60 -28.13
C TYR A 401 20.72 -10.11 -26.76
N SER A 402 22.05 -10.09 -26.61
CA SER A 402 22.68 -9.57 -25.40
C SER A 402 22.33 -8.10 -25.17
N GLU A 403 22.38 -7.30 -26.24
CA GLU A 403 21.98 -5.91 -26.18
C GLU A 403 20.49 -5.80 -25.86
N PHE A 404 19.70 -6.79 -26.32
CA PHE A 404 18.26 -6.80 -26.07
C PHE A 404 17.99 -7.07 -24.60
N VAL A 405 18.72 -8.02 -24.03
CA VAL A 405 18.53 -8.38 -22.63
C VAL A 405 18.68 -7.15 -21.73
N THR A 406 19.79 -6.43 -21.90
CA THR A 406 20.05 -5.20 -21.18
C THR A 406 18.87 -4.22 -21.26
N VAL A 407 18.50 -3.84 -22.48
CA VAL A 407 17.43 -2.87 -22.67
C VAL A 407 16.11 -3.34 -22.05
N ALA A 408 15.72 -4.58 -22.35
CA ALA A 408 14.51 -5.19 -21.79
C ALA A 408 14.41 -5.00 -20.28
N MET A 409 15.47 -5.41 -19.58
CA MET A 409 15.50 -5.44 -18.11
C MET A 409 15.91 -4.09 -17.55
N ASP A 410 16.90 -3.47 -18.19
CA ASP A 410 17.43 -2.16 -17.78
C ASP A 410 16.44 -1.02 -18.07
N ARG A 411 15.34 -1.33 -18.76
CA ARG A 411 14.17 -0.45 -18.82
C ARG A 411 13.11 -0.93 -17.84
N LYS A 412 12.70 -2.19 -17.93
CA LYS A 412 11.56 -2.73 -17.15
C LYS A 412 11.57 -2.39 -15.65
N THR A 413 12.75 -2.16 -15.10
CA THR A 413 12.90 -1.70 -13.71
C THR A 413 12.57 -0.21 -13.51
N LEU A 414 12.15 0.46 -14.58
CA LEU A 414 11.89 1.90 -14.55
C LEU A 414 10.89 2.21 -13.44
N LEU A 415 9.69 1.62 -13.53
CA LEU A 415 8.60 1.94 -12.59
C LEU A 415 9.02 1.97 -11.13
N SER A 416 9.84 1.01 -10.70
CA SER A 416 10.40 1.01 -9.33
C SER A 416 11.50 2.07 -9.10
N ARG A 417 12.37 2.31 -10.09
CA ARG A 417 13.47 3.29 -10.00
C ARG A 417 13.00 4.75 -10.03
N GLU A 418 11.95 5.00 -10.79
CA GLU A 418 11.35 6.31 -10.92
C GLU A 418 10.38 6.52 -9.78
N ARG A 419 9.70 5.46 -9.35
CA ARG A 419 8.86 5.58 -8.17
C ARG A 419 9.73 5.87 -6.97
N LEU A 420 10.95 5.31 -6.94
CA LEU A 420 11.84 5.54 -5.81
C LEU A 420 12.25 6.99 -5.78
N GLU A 421 12.67 7.52 -6.92
CA GLU A 421 13.03 8.95 -7.06
C GLU A 421 11.87 9.86 -6.71
N ARG A 422 10.68 9.56 -7.24
CA ARG A 422 9.49 10.33 -6.88
C ARG A 422 9.24 10.35 -5.38
N ALA A 423 9.45 9.21 -4.69
CA ALA A 423 9.20 9.17 -3.24
C ALA A 423 10.25 9.98 -2.48
N PHE A 424 11.49 9.90 -2.95
CA PHE A 424 12.59 10.68 -2.39
C PHE A 424 12.31 12.17 -2.55
N ARG A 425 11.92 12.59 -3.76
CA ARG A 425 11.63 14.01 -4.02
C ARG A 425 10.47 14.48 -3.14
N MET A 426 9.44 13.65 -3.03
CA MET A 426 8.28 13.99 -2.19
C MET A 426 8.65 14.12 -0.70
N PHE A 427 9.40 13.18 -0.17
CA PHE A 427 9.92 13.22 1.20
C PHE A 427 10.76 14.48 1.45
N ASP A 428 11.51 14.90 0.42
CA ASP A 428 12.38 16.08 0.48
C ASP A 428 11.57 17.38 0.28
N SER A 429 10.75 17.71 1.28
CA SER A 429 9.78 18.81 1.19
C SER A 429 10.39 20.19 0.99
N ASP A 430 11.60 20.42 1.50
CA ASP A 430 12.27 21.71 1.33
CA ASP A 430 12.30 21.69 1.34
C ASP A 430 13.16 21.77 0.06
N ASN A 431 13.14 20.71 -0.75
CA ASN A 431 13.95 20.64 -1.96
C ASN A 431 15.44 20.87 -1.67
N SER A 432 15.91 20.29 -0.58
CA SER A 432 17.34 20.36 -0.21
C SER A 432 18.18 19.38 -1.05
N GLY A 433 17.55 18.35 -1.57
CA GLY A 433 18.26 17.35 -2.36
C GLY A 433 18.95 16.30 -1.50
N LYS A 434 18.75 16.38 -0.20
CA LYS A 434 19.40 15.51 0.76
C LYS A 434 18.48 15.01 1.85
N ILE A 435 18.82 13.85 2.38
CA ILE A 435 18.16 13.27 3.54
C ILE A 435 19.19 13.17 4.65
N SER A 436 18.87 13.74 5.82
CA SER A 436 19.75 13.65 7.00
C SER A 436 19.82 12.25 7.62
N SER A 437 20.84 12.04 8.44
CA SER A 437 21.10 10.77 9.08
C SER A 437 19.95 10.37 10.01
N THR A 438 19.39 11.36 10.70
CA THR A 438 18.18 11.23 11.50
C THR A 438 17.01 10.71 10.68
N GLU A 439 16.83 11.26 9.48
CA GLU A 439 15.74 10.84 8.59
C GLU A 439 16.00 9.44 8.04
N LEU A 440 17.26 9.13 7.75
CA LEU A 440 17.62 7.77 7.35
C LEU A 440 17.28 6.78 8.48
N ALA A 441 17.56 7.14 9.73
CA ALA A 441 17.28 6.25 10.86
C ALA A 441 15.79 5.90 10.91
N THR A 442 14.95 6.91 10.67
CA THR A 442 13.51 6.73 10.61
C THR A 442 13.12 5.87 9.41
N ILE A 443 13.58 6.26 8.24
CA ILE A 443 13.19 5.57 7.03
C ILE A 443 13.56 4.10 7.15
N PHE A 444 14.79 3.82 7.59
CA PHE A 444 15.25 2.44 7.68
C PHE A 444 14.63 1.66 8.83
N GLY A 445 14.34 2.35 9.92
CA GLY A 445 13.62 1.74 11.04
C GLY A 445 12.28 1.20 10.58
N VAL A 446 11.46 2.08 10.03
CA VAL A 446 10.21 1.71 9.37
C VAL A 446 10.39 0.54 8.38
N SER A 447 11.54 0.51 7.71
CA SER A 447 11.86 -0.53 6.72
C SER A 447 12.50 -1.81 7.28
N ASP A 448 12.71 -1.88 8.59
CA ASP A 448 13.42 -3.01 9.25
C ASP A 448 14.82 -3.26 8.69
N VAL A 449 15.48 -2.21 8.25
CA VAL A 449 16.89 -2.33 7.93
C VAL A 449 17.67 -1.97 9.17
N ASP A 450 18.38 -2.96 9.65
CA ASP A 450 19.19 -2.83 10.84
C ASP A 450 20.08 -1.57 10.85
N SER A 451 20.06 -0.85 11.97
CA SER A 451 20.79 0.41 12.15
C SER A 451 22.27 0.31 11.80
N GLU A 452 22.95 -0.64 12.42
CA GLU A 452 24.39 -0.82 12.19
CA GLU A 452 24.39 -0.86 12.20
C GLU A 452 24.65 -1.28 10.75
N THR A 453 23.70 -2.01 10.17
CA THR A 453 23.81 -2.45 8.78
C THR A 453 23.81 -1.25 7.79
N TRP A 454 22.85 -0.34 7.87
CA TRP A 454 22.78 0.72 6.86
C TRP A 454 23.91 1.74 6.98
N LYS A 455 24.39 1.95 8.20
CA LYS A 455 25.54 2.83 8.47
C LYS A 455 26.83 2.26 7.89
N SER A 456 27.00 0.95 7.98
CA SER A 456 28.15 0.29 7.38
C SER A 456 28.14 0.51 5.86
N VAL A 457 26.98 0.29 5.25
CA VAL A 457 26.81 0.47 3.82
C VAL A 457 27.05 1.94 3.42
N LEU A 458 26.57 2.87 4.25
CA LEU A 458 26.80 4.29 4.03
C LEU A 458 28.30 4.60 3.99
N SER A 459 29.03 4.02 4.94
CA SER A 459 30.45 4.21 5.04
C SER A 459 31.14 3.71 3.77
N GLU A 460 30.68 2.58 3.22
CA GLU A 460 31.27 2.01 2.00
C GLU A 460 30.98 2.92 0.79
N VAL A 461 29.78 3.49 0.75
CA VAL A 461 29.36 4.35 -0.36
C VAL A 461 30.13 5.67 -0.35
N ASP A 462 30.30 6.26 0.83
CA ASP A 462 30.95 7.56 0.95
C ASP A 462 31.73 7.71 2.27
N LYS A 463 33.03 7.44 2.25
CA LYS A 463 33.81 7.53 3.47
C LYS A 463 33.60 8.90 4.14
N ASN A 464 33.57 9.96 3.34
CA ASN A 464 33.47 11.33 3.85
C ASN A 464 32.04 11.88 3.90
N ASN A 465 31.05 11.02 4.15
CA ASN A 465 29.69 11.51 4.30
C ASN A 465 29.60 12.29 5.61
N ASP A 466 28.71 13.25 5.62
CA ASP A 466 28.61 14.23 6.69
C ASP A 466 27.22 14.13 7.32
N GLY A 467 26.75 12.91 7.49
CA GLY A 467 25.40 12.68 8.00
C GLY A 467 24.26 13.12 7.08
N GLU A 468 24.46 12.97 5.78
CA GLU A 468 23.37 13.23 4.82
C GLU A 468 23.73 12.64 3.44
N VAL A 469 22.71 12.24 2.70
CA VAL A 469 22.90 11.61 1.42
C VAL A 469 22.00 12.28 0.37
N ASP A 470 22.49 12.41 -0.85
CA ASP A 470 21.65 12.77 -1.99
C ASP A 470 20.95 11.52 -2.51
N PHE A 471 20.17 11.68 -3.56
CA PHE A 471 19.37 10.58 -4.09
C PHE A 471 20.24 9.41 -4.55
N ASP A 472 21.29 9.70 -5.31
CA ASP A 472 22.16 8.65 -5.88
C ASP A 472 22.85 7.86 -4.77
N GLU A 473 23.27 8.55 -3.72
CA GLU A 473 23.91 7.89 -2.58
C GLU A 473 22.90 6.98 -1.87
N PHE A 474 21.67 7.48 -1.71
CA PHE A 474 20.61 6.68 -1.13
C PHE A 474 20.40 5.41 -1.95
N GLN A 475 20.23 5.59 -3.27
CA GLN A 475 20.08 4.46 -4.21
C GLN A 475 21.28 3.50 -4.13
N GLN A 476 22.48 4.04 -3.93
CA GLN A 476 23.67 3.22 -3.76
C GLN A 476 23.56 2.40 -2.47
N MET A 477 23.09 3.01 -1.40
CA MET A 477 22.86 2.28 -0.16
C MET A 477 21.90 1.11 -0.38
N LEU A 478 20.74 1.39 -0.96
CA LEU A 478 19.77 0.33 -1.26
C LEU A 478 20.36 -0.81 -2.11
N LEU A 479 21.20 -0.51 -3.09
CA LEU A 479 21.82 -1.56 -3.90
C LEU A 479 22.69 -2.44 -3.02
N LYS A 480 23.45 -1.81 -2.13
CA LYS A 480 24.32 -2.57 -1.24
C LYS A 480 23.55 -3.36 -0.17
N LEU A 481 22.34 -2.91 0.15
CA LEU A 481 21.50 -3.60 1.12
C LEU A 481 20.74 -4.80 0.55
N CYS A 482 20.87 -5.03 -0.75
CA CYS A 482 20.29 -6.20 -1.39
C CYS A 482 21.35 -6.92 -2.23
N GLY A 483 22.56 -6.99 -1.68
CA GLY A 483 23.64 -7.81 -2.24
C GLY A 483 24.22 -7.34 -3.57
N ASN A 484 24.12 -6.04 -3.83
CA ASN A 484 24.67 -5.43 -5.03
C ASN A 484 25.64 -4.30 -4.68
#